data_9GSZ
#
_entry.id   9GSZ
#
_cell.length_a   1.00
_cell.length_b   1.00
_cell.length_c   1.00
_cell.angle_alpha   90.00
_cell.angle_beta   90.00
_cell.angle_gamma   90.00
#
_symmetry.space_group_name_H-M   'P 1'
#
loop_
_entity.id
_entity.type
_entity.pdbx_description
1 polymer 'Monocarboxylate transporter 10'
2 non-polymer "3,5,3',5'-TETRAIODO-L-THYRONINE"
#
_entity_poly.entity_id   1
_entity_poly.type   'polypeptide(L)'
_entity_poly.pdbx_seq_one_letter_code
;MDYKDDDDKMVLSQEEPDSARGTSEAQPLGPAPTGAAPPPGPGPSDSPEAAVEKVEVELAGPATAEPHEPPEPPEGGWGW
LVMLAAMWCNGSVFGIQNACGVLFVSMLETFGSKDDDKMVFKTAWVGSLSMGMIFFCCPIVSVFTDLFGCRKTAVVGAAV
GFVGLMSSSFVSSIEPLYLTYGIIFACGCSFAYQPSLVILGHYFKKRLGLVNGIVTAGSSVFTILLPLLLRVLIDSVGLF
YTLRVLCIFMFVLFLAGFTYRPLATSTKDKESGGSGSSLFSRKKFSPPKKIFNFAIFKVTAYAVWAVGIPLALFGYFVPY
VHLMKHVNERFQDEKNKEVVLMCIGVTSGVGRLLFGRIADYVPGVKKVYLQVLSFFFIGLMSMMIPLCSIFGALIAVCLI
MGLFDGCFISIMAPIAFELVGAQDVSQAIGFLLGFMSIPMTVGPPIAGLLRDKLGSYDVAFYLAGVPPLIGGAVLCFIPS
RLEEELRRRLTEP
;
_entity_poly.pdbx_strand_id   A
#
loop_
_chem_comp.id
_chem_comp.type
_chem_comp.name
_chem_comp.formula
T44 non-polymer 3,5,3',5'-TETRAIODO-L-THYRONINE 'C15 H11 I4 N O4'
#
# COMPACT_ATOMS: atom_id res chain seq x y z
N TRP A 78 2.71 -11.18 28.58
CA TRP A 78 2.52 -10.77 27.17
C TRP A 78 2.13 -9.30 27.13
N GLY A 79 0.93 -8.99 27.63
CA GLY A 79 0.54 -7.61 27.84
C GLY A 79 0.69 -6.76 26.60
N TRP A 80 1.21 -5.55 26.80
CA TRP A 80 1.30 -4.57 25.73
C TRP A 80 2.21 -5.03 24.60
N LEU A 81 3.05 -6.03 24.85
CA LEU A 81 3.96 -6.49 23.82
C LEU A 81 3.21 -6.97 22.59
N VAL A 82 1.93 -7.33 22.72
CA VAL A 82 1.14 -7.65 21.54
C VAL A 82 1.11 -6.45 20.59
N MET A 83 0.75 -5.28 21.12
CA MET A 83 0.76 -4.07 20.30
C MET A 83 2.17 -3.71 19.86
N LEU A 84 3.15 -3.91 20.74
CA LEU A 84 4.53 -3.56 20.38
C LEU A 84 5.00 -4.37 19.18
N ALA A 85 4.67 -5.65 19.14
CA ALA A 85 5.06 -6.50 18.02
C ALA A 85 4.20 -6.24 16.79
N ALA A 86 2.94 -5.90 16.97
CA ALA A 86 2.11 -5.52 15.84
C ALA A 86 2.70 -4.31 15.13
N MET A 87 3.22 -3.35 15.89
CA MET A 87 3.93 -2.24 15.29
C MET A 87 5.04 -2.72 14.37
N TRP A 88 5.86 -3.64 14.88
CA TRP A 88 6.99 -4.13 14.09
C TRP A 88 6.50 -4.83 12.82
N CYS A 89 5.42 -5.61 12.92
CA CYS A 89 4.92 -6.32 11.75
C CYS A 89 4.45 -5.33 10.68
N ASN A 90 3.61 -4.36 11.08
CA ASN A 90 3.07 -3.42 10.12
C ASN A 90 4.19 -2.60 9.49
N GLY A 91 5.19 -2.22 10.28
CA GLY A 91 6.34 -1.54 9.68
C GLY A 91 7.09 -2.43 8.72
N SER A 92 7.36 -3.67 9.13
CA SER A 92 8.25 -4.53 8.36
C SER A 92 7.69 -4.84 6.99
N VAL A 93 6.38 -5.07 6.89
CA VAL A 93 5.81 -5.41 5.59
C VAL A 93 5.81 -4.20 4.67
N PHE A 94 5.11 -3.13 5.07
CA PHE A 94 4.86 -2.03 4.16
C PHE A 94 6.07 -1.12 3.96
N GLY A 95 7.01 -1.05 4.91
CA GLY A 95 8.21 -0.29 4.64
C GLY A 95 8.99 -0.85 3.46
N ILE A 96 9.12 -2.18 3.41
CA ILE A 96 9.76 -2.81 2.25
C ILE A 96 8.91 -2.61 1.00
N GLN A 97 7.59 -2.83 1.12
CA GLN A 97 6.75 -2.69 -0.06
C GLN A 97 6.79 -1.29 -0.64
N ASN A 98 7.09 -0.29 0.18
CA ASN A 98 7.18 1.09 -0.29
C ASN A 98 8.60 1.49 -0.69
N ALA A 99 9.61 0.88 -0.09
CA ALA A 99 10.99 1.11 -0.52
C ALA A 99 11.34 0.33 -1.77
N CYS A 100 10.42 -0.51 -2.26
CA CYS A 100 10.61 -1.27 -3.50
C CYS A 100 11.35 -0.51 -4.58
N GLY A 101 11.12 0.80 -4.70
CA GLY A 101 11.79 1.56 -5.75
C GLY A 101 13.29 1.58 -5.60
N VAL A 102 13.77 1.69 -4.36
CA VAL A 102 15.22 1.74 -4.14
C VAL A 102 15.86 0.42 -4.52
N LEU A 103 15.14 -0.69 -4.35
CA LEU A 103 15.60 -1.95 -4.93
C LEU A 103 15.58 -1.88 -6.45
N PHE A 104 14.44 -1.48 -7.01
CA PHE A 104 14.26 -1.50 -8.46
C PHE A 104 15.37 -0.78 -9.19
N VAL A 105 15.80 0.37 -8.66
CA VAL A 105 16.76 1.20 -9.40
C VAL A 105 18.03 0.41 -9.68
N SER A 106 18.49 -0.40 -8.72
CA SER A 106 19.71 -1.18 -8.91
C SER A 106 19.43 -2.56 -9.49
N MET A 107 18.25 -3.12 -9.23
CA MET A 107 17.87 -4.38 -9.85
C MET A 107 17.87 -4.26 -11.35
N LEU A 108 17.43 -3.12 -11.87
CA LEU A 108 17.48 -2.91 -13.31
C LEU A 108 18.91 -2.91 -13.82
N GLU A 109 19.83 -2.30 -13.07
CA GLU A 109 21.22 -2.23 -13.51
C GLU A 109 21.88 -3.60 -13.49
N THR A 110 21.68 -4.36 -12.42
CA THR A 110 22.29 -5.68 -12.32
C THR A 110 21.67 -6.62 -13.34
N PHE A 111 22.49 -7.50 -13.92
CA PHE A 111 22.09 -8.38 -15.01
C PHE A 111 21.18 -7.65 -15.99
N GLY A 112 21.65 -6.47 -16.44
CA GLY A 112 20.90 -5.70 -17.39
C GLY A 112 21.01 -6.23 -18.81
N SER A 113 20.19 -5.66 -19.69
CA SER A 113 20.18 -6.08 -21.09
C SER A 113 21.50 -5.73 -21.77
N ASP A 117 16.41 -7.14 -23.52
CA ASP A 117 15.97 -5.89 -24.12
C ASP A 117 14.56 -5.54 -23.62
N LYS A 118 14.15 -4.29 -23.81
CA LYS A 118 12.88 -3.80 -23.28
C LYS A 118 12.78 -4.11 -21.79
N MET A 119 13.91 -3.92 -21.09
CA MET A 119 14.04 -4.39 -19.72
C MET A 119 13.03 -3.73 -18.80
N VAL A 120 12.80 -2.42 -18.97
CA VAL A 120 11.94 -1.69 -18.04
C VAL A 120 10.54 -2.26 -18.00
N PHE A 121 10.10 -2.91 -19.08
CA PHE A 121 8.77 -3.52 -19.08
C PHE A 121 8.73 -4.74 -18.17
N LYS A 122 9.74 -5.61 -18.26
CA LYS A 122 9.72 -6.84 -17.48
C LYS A 122 9.98 -6.57 -16.00
N THR A 123 10.96 -5.72 -15.70
CA THR A 123 11.43 -5.59 -14.32
C THR A 123 10.31 -5.12 -13.39
N ALA A 124 9.47 -4.19 -13.87
CA ALA A 124 8.44 -3.63 -13.00
C ALA A 124 7.56 -4.72 -12.38
N TRP A 125 7.38 -5.83 -13.10
CA TRP A 125 6.57 -6.91 -12.56
C TRP A 125 7.11 -7.41 -11.23
N VAL A 126 8.41 -7.27 -10.99
CA VAL A 126 8.99 -7.79 -9.76
C VAL A 126 8.32 -7.16 -8.55
N GLY A 127 8.16 -5.83 -8.57
CA GLY A 127 7.45 -5.16 -7.49
C GLY A 127 5.95 -5.19 -7.63
N SER A 128 5.46 -5.18 -8.87
CA SER A 128 4.01 -5.18 -9.09
C SER A 128 3.37 -6.44 -8.52
N LEU A 129 3.96 -7.60 -8.81
CA LEU A 129 3.43 -8.85 -8.26
C LEU A 129 3.52 -8.86 -6.75
N SER A 130 4.63 -8.39 -6.20
CA SER A 130 4.77 -8.36 -4.74
C SER A 130 3.65 -7.56 -4.12
N MET A 131 3.34 -6.39 -4.69
CA MET A 131 2.32 -5.55 -4.08
C MET A 131 0.91 -6.08 -4.32
N GLY A 132 0.67 -6.72 -5.46
CA GLY A 132 -0.66 -7.22 -5.74
C GLY A 132 -1.00 -8.48 -4.95
N MET A 133 -0.01 -9.35 -4.75
CA MET A 133 -0.29 -10.65 -4.14
C MET A 133 -0.75 -10.50 -2.69
N ILE A 134 -0.24 -9.49 -1.97
CA ILE A 134 -0.68 -9.30 -0.59
C ILE A 134 -2.18 -9.06 -0.55
N PHE A 135 -2.67 -8.14 -1.37
CA PHE A 135 -4.10 -7.86 -1.38
C PHE A 135 -4.88 -9.06 -1.88
N PHE A 136 -4.36 -9.76 -2.89
CA PHE A 136 -5.08 -10.93 -3.39
C PHE A 136 -5.20 -12.02 -2.33
N CYS A 137 -4.19 -12.15 -1.47
CA CYS A 137 -4.16 -13.24 -0.51
C CYS A 137 -4.77 -12.89 0.84
N CYS A 138 -4.91 -11.61 1.17
CA CYS A 138 -5.47 -11.24 2.46
C CYS A 138 -6.84 -11.86 2.72
N PRO A 139 -7.82 -11.78 1.80
CA PRO A 139 -9.15 -12.31 2.13
C PRO A 139 -9.14 -13.81 2.44
N ILE A 140 -8.33 -14.59 1.72
CA ILE A 140 -8.34 -16.03 1.94
C ILE A 140 -7.75 -16.39 3.29
N VAL A 141 -6.88 -15.54 3.84
CA VAL A 141 -6.31 -15.80 5.15
C VAL A 141 -7.37 -15.85 6.23
N SER A 142 -8.53 -15.23 5.98
CA SER A 142 -9.62 -15.23 6.96
C SER A 142 -10.20 -16.61 7.18
N VAL A 143 -9.91 -17.55 6.28
CA VAL A 143 -10.30 -18.94 6.49
C VAL A 143 -9.19 -19.71 7.19
N PHE A 144 -7.94 -19.50 6.77
CA PHE A 144 -6.83 -20.21 7.40
C PHE A 144 -6.74 -19.87 8.89
N THR A 145 -6.71 -18.59 9.22
CA THR A 145 -6.52 -18.19 10.62
C THR A 145 -7.64 -18.75 11.50
N ASP A 146 -8.88 -18.62 11.05
CA ASP A 146 -10.00 -19.16 11.80
C ASP A 146 -9.93 -20.68 11.86
N LEU A 147 -9.27 -21.31 10.89
CA LEU A 147 -9.19 -22.77 10.87
C LEU A 147 -8.12 -23.30 11.82
N PHE A 148 -6.94 -22.67 11.83
CA PHE A 148 -5.82 -23.14 12.63
C PHE A 148 -5.73 -22.47 14.00
N GLY A 149 -5.94 -21.17 14.07
CA GLY A 149 -5.79 -20.44 15.31
C GLY A 149 -4.93 -19.18 15.13
N CYS A 150 -5.03 -18.29 16.11
CA CYS A 150 -4.34 -17.01 16.02
C CYS A 150 -2.83 -17.18 16.10
N ARG A 151 -2.34 -18.05 16.99
CA ARG A 151 -0.91 -18.17 17.18
C ARG A 151 -0.22 -18.63 15.90
N LYS A 152 -0.80 -19.60 15.20
CA LYS A 152 -0.24 -20.04 13.96
C LYS A 152 -0.52 -19.03 12.85
N THR A 153 0.00 -19.33 11.67
CA THR A 153 -0.11 -18.51 10.47
C THR A 153 0.76 -17.27 10.52
N ALA A 154 1.17 -16.84 11.72
CA ALA A 154 2.13 -15.75 11.81
C ALA A 154 3.55 -16.29 11.75
N VAL A 155 3.80 -17.35 12.52
CA VAL A 155 5.04 -18.09 12.38
C VAL A 155 5.22 -18.55 10.95
N VAL A 156 4.14 -19.07 10.34
CA VAL A 156 4.25 -19.58 8.98
C VAL A 156 4.51 -18.45 7.99
N GLY A 157 3.81 -17.32 8.14
CA GLY A 157 4.08 -16.20 7.26
C GLY A 157 5.52 -15.73 7.35
N ALA A 158 6.02 -15.58 8.58
CA ALA A 158 7.39 -15.13 8.76
C ALA A 158 8.39 -16.12 8.18
N ALA A 159 8.18 -17.41 8.43
CA ALA A 159 9.10 -18.42 7.90
C ALA A 159 9.09 -18.44 6.38
N VAL A 160 7.91 -18.33 5.78
CA VAL A 160 7.83 -18.34 4.32
C VAL A 160 8.49 -17.10 3.74
N GLY A 161 8.28 -15.94 4.39
CA GLY A 161 8.95 -14.74 3.93
C GLY A 161 10.46 -14.83 4.02
N PHE A 162 10.96 -15.40 5.11
CA PHE A 162 12.41 -15.60 5.25
C PHE A 162 12.92 -16.54 4.16
N VAL A 163 12.19 -17.63 3.91
CA VAL A 163 12.60 -18.57 2.87
C VAL A 163 12.64 -17.87 1.52
N GLY A 164 11.63 -17.07 1.21
CA GLY A 164 11.60 -16.38 -0.06
C GLY A 164 12.71 -15.36 -0.21
N LEU A 165 12.95 -14.57 0.83
CA LEU A 165 14.02 -13.59 0.76
C LEU A 165 15.38 -14.27 0.59
N MET A 166 15.62 -15.35 1.31
CA MET A 166 16.87 -16.09 1.13
C MET A 166 16.97 -16.66 -0.28
N SER A 167 15.91 -17.32 -0.75
CA SER A 167 15.93 -17.91 -2.08
C SER A 167 16.13 -16.86 -3.15
N SER A 168 15.75 -15.62 -2.89
CA SER A 168 16.06 -14.56 -3.85
C SER A 168 17.56 -14.47 -4.10
N SER A 169 18.37 -14.87 -3.12
CA SER A 169 19.79 -15.02 -3.34
C SER A 169 20.06 -16.25 -4.21
N PHE A 170 21.28 -16.30 -4.77
CA PHE A 170 21.70 -17.41 -5.62
C PHE A 170 20.83 -17.50 -6.88
N VAL A 171 20.55 -16.35 -7.47
CA VAL A 171 19.76 -16.26 -8.70
C VAL A 171 20.61 -15.53 -9.74
N SER A 172 20.84 -16.19 -10.87
CA SER A 172 21.69 -15.66 -11.93
C SER A 172 20.90 -15.03 -13.07
N SER A 173 19.58 -14.92 -12.95
CA SER A 173 18.76 -14.36 -14.01
C SER A 173 17.56 -13.66 -13.38
N ILE A 174 16.93 -12.79 -14.16
CA ILE A 174 15.77 -12.08 -13.64
C ILE A 174 14.54 -12.97 -13.66
N GLU A 175 14.50 -13.96 -14.55
CA GLU A 175 13.30 -14.79 -14.69
C GLU A 175 12.85 -15.43 -13.40
N PRO A 176 13.72 -16.08 -12.62
CA PRO A 176 13.25 -16.70 -11.37
C PRO A 176 12.78 -15.69 -10.34
N LEU A 177 13.14 -14.42 -10.49
CA LEU A 177 12.80 -13.46 -9.46
C LEU A 177 11.30 -13.33 -9.27
N TYR A 178 10.52 -13.37 -10.35
CA TYR A 178 9.07 -13.28 -10.21
C TYR A 178 8.55 -14.30 -9.22
N LEU A 179 9.19 -15.47 -9.15
CA LEU A 179 8.77 -16.55 -8.27
C LEU A 179 9.41 -16.49 -6.90
N THR A 180 10.71 -16.18 -6.83
CA THR A 180 11.38 -16.10 -5.54
C THR A 180 10.91 -14.86 -4.79
N TYR A 181 11.19 -13.68 -5.34
CA TYR A 181 10.60 -12.46 -4.81
C TYR A 181 9.22 -12.29 -5.45
N GLY A 182 8.37 -11.53 -4.78
CA GLY A 182 7.02 -11.40 -5.30
C GLY A 182 6.13 -12.54 -4.85
N ILE A 183 5.92 -13.55 -5.71
CA ILE A 183 4.97 -14.61 -5.40
C ILE A 183 5.22 -15.16 -3.99
N ILE A 184 6.40 -15.73 -3.77
CA ILE A 184 6.66 -16.42 -2.49
C ILE A 184 6.72 -15.42 -1.35
N PHE A 185 7.48 -14.33 -1.53
CA PHE A 185 7.68 -13.39 -0.44
C PHE A 185 6.36 -12.79 0.03
N ALA A 186 5.51 -12.38 -0.92
CA ALA A 186 4.24 -11.77 -0.56
C ALA A 186 3.25 -12.80 -0.05
N CYS A 187 3.25 -14.01 -0.61
CA CYS A 187 2.38 -15.05 -0.08
C CYS A 187 2.76 -15.37 1.36
N GLY A 188 4.00 -15.12 1.74
CA GLY A 188 4.38 -15.20 3.14
C GLY A 188 3.98 -13.99 3.95
N CYS A 189 4.22 -12.80 3.38
CA CYS A 189 3.97 -11.56 4.11
C CYS A 189 2.50 -11.38 4.44
N SER A 190 1.61 -11.72 3.49
CA SER A 190 0.18 -11.58 3.76
C SER A 190 -0.24 -12.47 4.93
N PHE A 191 0.23 -13.71 4.94
CA PHE A 191 -0.06 -14.59 6.06
C PHE A 191 0.50 -14.03 7.36
N ALA A 192 1.70 -13.45 7.30
CA ALA A 192 2.30 -12.88 8.50
C ALA A 192 1.47 -11.72 9.04
N TYR A 193 0.99 -10.87 8.15
CA TYR A 193 0.40 -9.60 8.55
C TYR A 193 -1.09 -9.69 8.88
N GLN A 194 -1.84 -10.50 8.15
CA GLN A 194 -3.29 -10.54 8.37
C GLN A 194 -3.67 -10.85 9.81
N PRO A 195 -3.12 -11.87 10.47
CA PRO A 195 -3.57 -12.20 11.83
C PRO A 195 -3.27 -11.11 12.85
N SER A 196 -2.43 -10.13 12.51
CA SER A 196 -2.11 -9.09 13.48
C SER A 196 -3.35 -8.32 13.90
N LEU A 197 -4.26 -8.05 12.96
CA LEU A 197 -5.44 -7.26 13.28
C LEU A 197 -6.37 -8.01 14.23
N VAL A 198 -6.56 -9.31 14.00
CA VAL A 198 -7.49 -10.09 14.81
C VAL A 198 -7.04 -10.10 16.27
N ILE A 199 -5.75 -9.96 16.52
CA ILE A 199 -5.25 -9.98 17.89
C ILE A 199 -5.01 -8.57 18.44
N LEU A 200 -4.82 -7.56 17.58
CA LEU A 200 -4.95 -6.20 18.06
C LEU A 200 -6.34 -5.98 18.62
N GLY A 201 -7.35 -6.49 17.92
CA GLY A 201 -8.60 -6.77 18.61
C GLY A 201 -8.36 -7.71 19.78
N HIS A 202 -8.92 -7.38 20.92
CA HIS A 202 -8.62 -7.98 22.21
C HIS A 202 -7.33 -7.45 22.80
N TYR A 203 -6.71 -6.43 22.16
CA TYR A 203 -5.57 -5.74 22.75
C TYR A 203 -5.81 -5.52 24.24
N PHE A 204 -6.89 -4.79 24.55
CA PHE A 204 -7.38 -4.69 25.91
C PHE A 204 -8.90 -4.69 25.92
N LYS A 205 -9.51 -5.33 24.91
CA LYS A 205 -10.95 -5.31 24.67
C LYS A 205 -11.53 -3.92 24.88
N LYS A 206 -10.78 -2.90 24.49
CA LYS A 206 -11.27 -1.52 24.51
C LYS A 206 -10.25 -0.66 23.74
N ARG A 207 -10.46 0.65 23.75
CA ARG A 207 -9.48 1.61 23.27
C ARG A 207 -8.95 1.26 21.88
N LEU A 208 -9.79 0.64 21.05
CA LEU A 208 -9.43 0.46 19.66
C LEU A 208 -9.42 1.82 18.96
N GLY A 209 -8.65 1.90 17.88
CA GLY A 209 -8.48 3.16 17.17
C GLY A 209 -7.26 3.91 17.65
N LEU A 210 -7.18 4.17 18.96
CA LEU A 210 -5.97 4.79 19.50
C LEU A 210 -4.77 3.85 19.33
N VAL A 211 -4.97 2.56 19.56
CA VAL A 211 -3.90 1.59 19.32
C VAL A 211 -3.54 1.58 17.85
N ASN A 212 -4.53 1.66 16.96
CA ASN A 212 -4.24 1.68 15.53
C ASN A 212 -3.44 2.91 15.16
N GLY A 213 -3.78 4.07 15.73
CA GLY A 213 -3.00 5.27 15.47
C GLY A 213 -1.57 5.13 15.98
N ILE A 214 -1.40 4.51 17.15
CA ILE A 214 -0.06 4.28 17.67
C ILE A 214 0.73 3.38 16.73
N VAL A 215 0.09 2.33 16.22
CA VAL A 215 0.78 1.41 15.31
C VAL A 215 1.14 2.12 14.01
N THR A 216 0.25 2.98 13.52
CA THR A 216 0.56 3.74 12.31
C THR A 216 1.73 4.69 12.54
N ALA A 217 1.76 5.37 13.70
CA ALA A 217 2.88 6.24 14.01
C ALA A 217 4.18 5.45 14.12
N GLY A 218 4.12 4.23 14.64
CA GLY A 218 5.30 3.38 14.71
C GLY A 218 5.80 2.96 13.35
N SER A 219 4.90 2.43 12.52
CA SER A 219 5.29 1.99 11.18
C SER A 219 5.71 3.16 10.29
N SER A 220 5.26 4.37 10.61
CA SER A 220 5.80 5.55 9.95
C SER A 220 7.32 5.60 10.09
N VAL A 221 7.84 5.18 11.24
CA VAL A 221 9.28 5.22 11.46
C VAL A 221 10.00 4.33 10.45
N PHE A 222 9.49 3.11 10.24
CA PHE A 222 10.14 2.20 9.32
C PHE A 222 9.95 2.63 7.88
N THR A 223 8.80 3.21 7.54
CA THR A 223 8.63 3.74 6.19
C THR A 223 9.60 4.89 5.93
N ILE A 224 9.82 5.74 6.94
CA ILE A 224 10.70 6.90 6.78
C ILE A 224 12.16 6.45 6.70
N LEU A 225 12.57 5.54 7.58
CA LEU A 225 13.98 5.26 7.79
C LEU A 225 14.55 4.23 6.82
N LEU A 226 13.77 3.21 6.47
CA LEU A 226 14.31 2.11 5.67
C LEU A 226 14.96 2.57 4.36
N PRO A 227 14.38 3.51 3.60
CA PRO A 227 15.06 3.93 2.36
C PRO A 227 16.47 4.44 2.59
N LEU A 228 16.74 5.07 3.74
CA LEU A 228 18.08 5.56 4.01
C LEU A 228 19.05 4.41 4.22
N LEU A 229 18.66 3.42 5.02
CA LEU A 229 19.54 2.28 5.29
C LEU A 229 19.86 1.53 4.01
N LEU A 230 18.84 1.21 3.21
CA LEU A 230 19.04 0.39 2.03
C LEU A 230 19.94 1.09 1.01
N ARG A 231 19.78 2.41 0.87
CA ARG A 231 20.54 3.14 -0.13
C ARG A 231 22.03 3.07 0.15
N VAL A 232 22.42 3.20 1.41
CA VAL A 232 23.84 3.09 1.75
C VAL A 232 24.29 1.64 1.77
N LEU A 233 23.39 0.72 2.14
CA LEU A 233 23.72 -0.68 2.20
C LEU A 233 23.99 -1.29 0.84
N ILE A 234 23.33 -0.82 -0.22
CA ILE A 234 23.45 -1.45 -1.52
C ILE A 234 24.89 -1.39 -2.03
N ASP A 235 25.48 -0.19 -2.03
CA ASP A 235 26.80 -0.03 -2.64
C ASP A 235 27.88 -0.89 -1.98
N SER A 236 27.79 -1.13 -0.67
CA SER A 236 28.78 -1.97 -0.02
C SER A 236 28.72 -3.40 -0.54
N VAL A 237 27.52 -3.97 -0.61
CA VAL A 237 27.33 -5.33 -1.09
C VAL A 237 26.10 -5.35 -1.99
N GLY A 238 26.20 -6.04 -3.12
CA GLY A 238 25.21 -5.94 -4.17
C GLY A 238 23.80 -6.33 -3.80
N LEU A 239 22.91 -6.31 -4.79
CA LEU A 239 21.51 -6.63 -4.57
C LEU A 239 21.36 -7.97 -3.84
N PHE A 240 22.11 -8.98 -4.26
CA PHE A 240 21.96 -10.31 -3.69
C PHE A 240 22.24 -10.29 -2.19
N TYR A 241 23.35 -9.68 -1.79
CA TYR A 241 23.64 -9.57 -0.38
C TYR A 241 22.60 -8.74 0.34
N THR A 242 22.09 -7.69 -0.30
CA THR A 242 21.08 -6.84 0.34
C THR A 242 19.83 -7.65 0.67
N LEU A 243 19.34 -8.43 -0.29
CA LEU A 243 18.18 -9.27 -0.03
C LEU A 243 18.50 -10.37 0.97
N ARG A 244 19.71 -10.90 0.92
CA ARG A 244 20.12 -11.94 1.86
C ARG A 244 20.25 -11.42 3.29
N VAL A 245 20.46 -10.12 3.44
CA VAL A 245 20.60 -9.50 4.76
C VAL A 245 19.28 -8.98 5.28
N LEU A 246 18.39 -8.51 4.39
CA LEU A 246 17.07 -8.07 4.82
C LEU A 246 16.28 -9.16 5.52
N CYS A 247 16.79 -10.40 5.53
CA CYS A 247 16.13 -11.48 6.24
C CYS A 247 16.08 -11.26 7.74
N ILE A 248 16.85 -10.30 8.26
CA ILE A 248 16.84 -10.03 9.70
C ILE A 248 15.46 -9.59 10.15
N PHE A 249 14.80 -8.73 9.37
CA PHE A 249 13.46 -8.30 9.73
C PHE A 249 12.49 -9.47 9.79
N MET A 250 12.55 -10.35 8.79
CA MET A 250 11.67 -11.51 8.78
C MET A 250 11.98 -12.44 9.95
N PHE A 251 13.26 -12.58 10.29
CA PHE A 251 13.63 -13.42 11.43
C PHE A 251 13.09 -12.86 12.73
N VAL A 252 13.20 -11.54 12.93
CA VAL A 252 12.67 -10.93 14.14
C VAL A 252 11.15 -11.05 14.17
N LEU A 253 10.50 -10.92 13.01
CA LEU A 253 9.06 -11.12 12.95
C LEU A 253 8.69 -12.54 13.35
N PHE A 254 9.45 -13.52 12.86
CA PHE A 254 9.20 -14.91 13.24
C PHE A 254 9.35 -15.10 14.74
N LEU A 255 10.38 -14.49 15.34
CA LEU A 255 10.54 -14.63 16.78
C LEU A 255 9.40 -13.97 17.53
N ALA A 256 8.99 -12.77 17.11
CA ALA A 256 7.93 -12.06 17.80
C ALA A 256 6.57 -12.73 17.63
N GLY A 257 6.42 -13.53 16.57
CA GLY A 257 5.14 -14.18 16.33
C GLY A 257 4.69 -15.06 17.47
N PHE A 258 5.60 -15.47 18.35
CA PHE A 258 5.22 -16.32 19.48
C PHE A 258 4.46 -15.56 20.56
N THR A 259 4.40 -14.23 20.51
CA THR A 259 3.65 -13.50 21.51
C THR A 259 2.14 -13.73 21.36
N TYR A 260 1.65 -13.73 20.14
CA TYR A 260 0.22 -13.95 19.89
C TYR A 260 -0.25 -15.19 20.63
N ARG A 261 -1.16 -15.01 21.57
CA ARG A 261 -1.78 -16.14 22.23
C ARG A 261 -3.13 -15.72 22.81
N PRO A 262 -4.24 -16.03 22.17
CA PRO A 262 -5.54 -15.59 22.69
C PRO A 262 -5.73 -16.02 24.14
N LEU A 263 -6.25 -15.12 24.95
CA LEU A 263 -6.38 -15.36 26.37
C LEU A 263 -7.60 -14.61 26.93
N ASN A 293 -22.44 -15.24 0.36
CA ASN A 293 -21.65 -14.05 0.72
C ASN A 293 -21.57 -13.08 -0.44
N PHE A 294 -22.24 -13.39 -1.54
CA PHE A 294 -22.27 -12.53 -2.72
C PHE A 294 -23.46 -11.59 -2.74
N ALA A 295 -24.32 -11.63 -1.71
CA ALA A 295 -25.52 -10.79 -1.69
C ALA A 295 -25.23 -9.33 -1.41
N ILE A 296 -23.98 -8.97 -1.10
CA ILE A 296 -23.67 -7.60 -0.71
C ILE A 296 -23.98 -6.62 -1.83
N PHE A 297 -23.77 -7.04 -3.08
CA PHE A 297 -23.85 -6.11 -4.20
C PHE A 297 -25.23 -5.48 -4.36
N LYS A 298 -26.28 -6.06 -3.76
CA LYS A 298 -27.61 -5.49 -3.93
C LYS A 298 -27.73 -4.09 -3.34
N VAL A 299 -26.83 -3.70 -2.45
CA VAL A 299 -26.84 -2.34 -1.89
C VAL A 299 -26.17 -1.42 -2.90
N THR A 300 -26.94 -0.47 -3.44
CA THR A 300 -26.44 0.35 -4.54
C THR A 300 -25.25 1.19 -4.11
N ALA A 301 -25.30 1.75 -2.90
CA ALA A 301 -24.20 2.61 -2.46
C ALA A 301 -22.88 1.83 -2.44
N TYR A 302 -22.88 0.67 -1.81
CA TYR A 302 -21.67 -0.15 -1.79
C TYR A 302 -21.27 -0.57 -3.20
N ALA A 303 -22.26 -0.90 -4.03
CA ALA A 303 -21.95 -1.33 -5.39
C ALA A 303 -21.21 -0.24 -6.14
N VAL A 304 -21.63 1.01 -5.96
CA VAL A 304 -20.97 2.12 -6.65
C VAL A 304 -19.58 2.36 -6.07
N TRP A 305 -19.48 2.36 -4.75
CA TRP A 305 -18.20 2.70 -4.11
C TRP A 305 -17.13 1.66 -4.42
N ALA A 306 -17.50 0.37 -4.39
CA ALA A 306 -16.53 -0.69 -4.58
C ALA A 306 -15.98 -0.70 -6.00
N VAL A 307 -16.73 -0.17 -6.96
CA VAL A 307 -16.19 -0.02 -8.30
C VAL A 307 -15.45 1.30 -8.43
N GLY A 308 -15.88 2.33 -7.69
CA GLY A 308 -15.22 3.62 -7.80
C GLY A 308 -13.78 3.58 -7.33
N ILE A 309 -13.54 2.96 -6.18
CA ILE A 309 -12.19 2.97 -5.60
C ILE A 309 -11.18 2.27 -6.50
N PRO A 310 -11.39 1.01 -6.91
CA PRO A 310 -10.41 0.37 -7.80
C PRO A 310 -10.20 1.12 -9.09
N LEU A 311 -11.27 1.69 -9.67
CA LEU A 311 -11.10 2.50 -10.86
C LEU A 311 -10.30 3.76 -10.56
N ALA A 312 -10.33 4.23 -9.33
CA ALA A 312 -9.56 5.41 -8.95
C ALA A 312 -8.08 5.10 -8.81
N LEU A 313 -7.74 3.94 -8.22
CA LEU A 313 -6.36 3.60 -7.90
C LEU A 313 -5.60 2.98 -9.07
N PHE A 314 -6.04 3.18 -10.30
CA PHE A 314 -5.38 2.51 -11.43
C PHE A 314 -4.03 3.12 -11.77
N GLY A 315 -3.55 4.10 -11.02
CA GLY A 315 -2.23 4.64 -11.22
C GLY A 315 -1.57 5.02 -9.91
N TYR A 316 -2.15 4.55 -8.82
CA TYR A 316 -1.70 4.97 -7.49
C TYR A 316 -0.26 4.54 -7.23
N PHE A 317 0.09 3.31 -7.61
CA PHE A 317 1.38 2.72 -7.27
C PHE A 317 2.45 3.02 -8.30
N VAL A 318 2.14 3.73 -9.38
CA VAL A 318 3.16 4.06 -10.37
C VAL A 318 4.29 4.88 -9.76
N PRO A 319 4.03 5.98 -9.04
CA PRO A 319 5.16 6.77 -8.52
C PRO A 319 6.04 5.99 -7.57
N TYR A 320 5.47 5.18 -6.67
CA TYR A 320 6.29 4.47 -5.69
C TYR A 320 7.35 3.60 -6.37
N VAL A 321 7.12 3.19 -7.60
CA VAL A 321 8.07 2.35 -8.33
C VAL A 321 8.96 3.19 -9.25
N HIS A 322 8.39 4.16 -9.95
CA HIS A 322 9.12 4.84 -11.00
C HIS A 322 9.74 6.18 -10.59
N LEU A 323 9.49 6.66 -9.38
CA LEU A 323 9.99 7.98 -9.01
C LEU A 323 11.50 7.99 -8.85
N MET A 324 12.06 6.94 -8.24
CA MET A 324 13.50 6.90 -8.04
C MET A 324 14.25 6.75 -9.35
N LYS A 325 13.61 6.22 -10.39
CA LYS A 325 14.24 6.14 -11.70
C LYS A 325 14.00 7.40 -12.52
N HIS A 326 12.88 8.08 -12.30
CA HIS A 326 12.69 9.40 -12.88
C HIS A 326 13.74 10.36 -12.38
N VAL A 327 14.01 10.33 -11.07
CA VAL A 327 15.20 10.98 -10.56
C VAL A 327 16.41 10.38 -11.28
N ASN A 328 17.52 11.09 -11.23
CA ASN A 328 18.68 10.94 -12.10
C ASN A 328 18.45 11.70 -13.41
N GLU A 329 17.28 12.33 -13.58
CA GLU A 329 17.18 13.41 -14.56
C GLU A 329 18.08 14.56 -14.16
N ARG A 330 18.13 14.87 -12.86
CA ARG A 330 19.12 15.79 -12.30
C ARG A 330 20.28 14.96 -11.76
N PHE A 331 21.04 14.41 -12.71
CA PHE A 331 22.08 13.44 -12.36
C PHE A 331 23.17 14.07 -11.48
N GLN A 332 23.47 15.35 -11.71
CA GLN A 332 24.59 15.98 -11.02
C GLN A 332 24.20 16.58 -9.68
N ASP A 333 23.15 17.39 -9.65
CA ASP A 333 22.77 18.11 -8.44
C ASP A 333 22.17 17.20 -7.38
N GLU A 334 21.90 15.94 -7.70
CA GLU A 334 21.27 15.04 -6.74
C GLU A 334 22.26 14.60 -5.69
N LYS A 335 22.72 15.54 -4.86
CA LYS A 335 23.64 15.18 -3.78
C LYS A 335 23.00 14.20 -2.81
N ASN A 336 21.67 14.18 -2.74
CA ASN A 336 20.94 13.21 -1.94
C ASN A 336 19.63 12.90 -2.64
N LYS A 337 19.36 11.60 -2.84
CA LYS A 337 18.15 11.15 -3.52
C LYS A 337 17.10 10.60 -2.55
N GLU A 338 17.52 9.78 -1.58
CA GLU A 338 16.57 9.05 -0.76
C GLU A 338 15.59 9.97 -0.04
N VAL A 339 15.97 11.23 0.20
CA VAL A 339 15.08 12.14 0.90
C VAL A 339 13.80 12.34 0.11
N VAL A 340 13.89 12.38 -1.22
CA VAL A 340 12.71 12.65 -2.05
C VAL A 340 11.66 11.55 -1.87
N LEU A 341 12.10 10.33 -1.55
CA LEU A 341 11.16 9.25 -1.28
C LEU A 341 10.80 9.16 0.19
N MET A 342 11.74 9.51 1.08
CA MET A 342 11.47 9.49 2.51
C MET A 342 10.36 10.48 2.87
N CYS A 343 10.37 11.65 2.22
CA CYS A 343 9.42 12.69 2.57
C CYS A 343 7.99 12.34 2.18
N ILE A 344 7.77 11.29 1.40
CA ILE A 344 6.40 10.81 1.21
C ILE A 344 5.87 10.20 2.50
N GLY A 345 6.63 9.29 3.10
CA GLY A 345 6.20 8.67 4.34
C GLY A 345 6.21 9.64 5.51
N VAL A 346 7.20 10.53 5.56
CA VAL A 346 7.28 11.46 6.68
C VAL A 346 6.01 12.29 6.77
N THR A 347 5.36 12.53 5.62
CA THR A 347 4.08 13.22 5.60
C THR A 347 2.90 12.28 5.73
N SER A 348 3.02 11.06 5.20
CA SER A 348 1.90 10.11 5.29
C SER A 348 1.58 9.80 6.74
N GLY A 349 2.61 9.63 7.56
CA GLY A 349 2.38 9.33 8.97
C GLY A 349 1.55 10.40 9.65
N VAL A 350 2.00 11.65 9.54
CA VAL A 350 1.29 12.74 10.21
C VAL A 350 -0.10 12.91 9.61
N GLY A 351 -0.23 12.71 8.30
CA GLY A 351 -1.54 12.85 7.69
C GLY A 351 -2.53 11.84 8.24
N ARG A 352 -2.12 10.58 8.31
CA ARG A 352 -3.01 9.57 8.88
C ARG A 352 -3.34 9.89 10.33
N LEU A 353 -2.33 10.30 11.10
CA LEU A 353 -2.57 10.59 12.52
C LEU A 353 -3.56 11.73 12.69
N LEU A 354 -3.42 12.79 11.89
CA LEU A 354 -4.33 13.93 12.00
C LEU A 354 -5.74 13.57 11.54
N PHE A 355 -5.85 12.84 10.43
CA PHE A 355 -7.18 12.55 9.89
C PHE A 355 -7.93 11.51 10.72
N GLY A 356 -7.22 10.64 11.43
CA GLY A 356 -7.92 9.79 12.38
C GLY A 356 -8.70 10.60 13.39
N ARG A 357 -8.09 11.65 13.93
CA ARG A 357 -8.81 12.56 14.82
C ARG A 357 -9.90 13.31 14.07
N ILE A 358 -9.59 13.80 12.87
CA ILE A 358 -10.52 14.67 12.16
C ILE A 358 -11.82 13.94 11.84
N ALA A 359 -11.72 12.66 11.46
CA ALA A 359 -12.85 11.97 10.83
C ALA A 359 -14.14 12.13 11.64
N ASP A 360 -14.06 12.00 12.96
CA ASP A 360 -15.25 11.91 13.79
C ASP A 360 -15.77 13.26 14.28
N TYR A 361 -15.07 14.36 14.01
CA TYR A 361 -15.50 15.64 14.55
C TYR A 361 -16.76 16.12 13.83
N VAL A 362 -17.55 16.94 14.54
CA VAL A 362 -18.89 17.25 14.09
C VAL A 362 -18.91 17.94 12.72
N PRO A 363 -18.09 18.95 12.45
CA PRO A 363 -18.25 19.72 11.21
C PRO A 363 -18.08 18.89 9.93
N GLY A 364 -17.51 17.69 10.01
CA GLY A 364 -17.27 16.91 8.83
C GLY A 364 -17.52 15.42 8.98
N VAL A 365 -18.15 15.02 10.09
CA VAL A 365 -18.39 13.60 10.33
C VAL A 365 -19.74 13.14 9.78
N LYS A 366 -20.62 14.06 9.40
CA LYS A 366 -21.99 13.68 9.04
C LYS A 366 -21.99 12.62 7.95
N LYS A 367 -21.29 12.88 6.84
CA LYS A 367 -21.17 11.88 5.77
C LYS A 367 -19.92 12.23 4.97
N VAL A 368 -18.90 11.39 5.07
CA VAL A 368 -17.58 11.75 4.58
C VAL A 368 -17.46 11.36 3.11
N TYR A 369 -17.21 12.36 2.26
CA TYR A 369 -16.84 12.14 0.86
C TYR A 369 -15.50 12.80 0.56
N LEU A 370 -14.67 13.01 1.58
CA LEU A 370 -13.39 13.70 1.40
C LEU A 370 -12.42 12.88 0.57
N GLN A 371 -12.73 11.59 0.35
CA GLN A 371 -11.89 10.80 -0.55
C GLN A 371 -11.89 11.37 -1.95
N VAL A 372 -12.98 12.05 -2.35
CA VAL A 372 -13.00 12.71 -3.65
C VAL A 372 -11.94 13.81 -3.68
N LEU A 373 -11.87 14.61 -2.61
CA LEU A 373 -10.85 15.65 -2.53
C LEU A 373 -9.45 15.05 -2.53
N SER A 374 -9.26 13.95 -1.79
CA SER A 374 -7.96 13.30 -1.75
C SER A 374 -7.54 12.84 -3.14
N PHE A 375 -8.45 12.19 -3.87
CA PHE A 375 -8.13 11.74 -5.21
C PHE A 375 -7.83 12.93 -6.13
N PHE A 376 -8.61 13.99 -6.03
CA PHE A 376 -8.37 15.15 -6.88
C PHE A 376 -6.97 15.71 -6.64
N PHE A 377 -6.61 15.92 -5.38
CA PHE A 377 -5.32 16.52 -5.07
C PHE A 377 -4.17 15.61 -5.47
N ILE A 378 -4.28 14.30 -5.18
CA ILE A 378 -3.18 13.40 -5.52
C ILE A 378 -3.01 13.31 -7.03
N GLY A 379 -4.12 13.28 -7.77
CA GLY A 379 -4.02 13.27 -9.22
C GLY A 379 -3.36 14.53 -9.76
N LEU A 380 -3.75 15.69 -9.21
CA LEU A 380 -3.13 16.93 -9.67
C LEU A 380 -1.63 16.94 -9.37
N MET A 381 -1.24 16.52 -8.16
CA MET A 381 0.17 16.51 -7.81
C MET A 381 0.95 15.55 -8.71
N SER A 382 0.40 14.37 -8.99
CA SER A 382 1.02 13.48 -9.96
C SER A 382 1.18 14.18 -11.31
N MET A 383 0.16 14.93 -11.72
CA MET A 383 0.26 15.72 -12.95
C MET A 383 1.30 16.82 -12.85
N MET A 384 1.77 17.16 -11.65
CA MET A 384 2.79 18.19 -11.49
C MET A 384 4.22 17.67 -11.55
N ILE A 385 4.45 16.37 -11.31
CA ILE A 385 5.83 15.89 -11.15
C ILE A 385 6.68 16.13 -12.38
N PRO A 386 6.26 15.77 -13.58
CA PRO A 386 7.20 15.77 -14.72
C PRO A 386 7.53 17.15 -15.27
N LEU A 387 7.22 18.21 -14.53
CA LEU A 387 7.50 19.57 -14.98
C LEU A 387 8.47 20.31 -14.08
N CYS A 388 8.29 20.24 -12.76
CA CYS A 388 9.10 21.04 -11.84
C CYS A 388 10.58 20.73 -12.04
N SER A 389 11.38 21.78 -12.09
CA SER A 389 12.82 21.67 -12.31
C SER A 389 13.64 21.97 -11.06
N ILE A 390 13.35 23.06 -10.36
CA ILE A 390 14.05 23.35 -9.12
C ILE A 390 13.77 22.25 -8.11
N PHE A 391 14.82 21.78 -7.43
CA PHE A 391 14.70 20.59 -6.61
C PHE A 391 13.57 20.71 -5.59
N GLY A 392 13.56 21.79 -4.82
CA GLY A 392 12.62 21.90 -3.71
C GLY A 392 11.17 21.76 -4.14
N ALA A 393 10.87 22.12 -5.39
CA ALA A 393 9.50 21.97 -5.87
C ALA A 393 9.08 20.52 -5.87
N LEU A 394 9.99 19.61 -6.23
CA LEU A 394 9.65 18.20 -6.22
C LEU A 394 9.34 17.72 -4.82
N ILE A 395 10.10 18.18 -3.82
CA ILE A 395 9.82 17.80 -2.43
C ILE A 395 8.49 18.37 -1.98
N ALA A 396 8.17 19.60 -2.38
CA ALA A 396 6.88 20.17 -2.02
C ALA A 396 5.74 19.35 -2.61
N VAL A 397 5.87 18.97 -3.89
CA VAL A 397 4.86 18.14 -4.52
C VAL A 397 4.75 16.81 -3.80
N CYS A 398 5.89 16.24 -3.38
CA CYS A 398 5.86 14.98 -2.66
C CYS A 398 5.10 15.10 -1.35
N LEU A 399 5.34 16.19 -0.60
CA LEU A 399 4.62 16.39 0.66
C LEU A 399 3.12 16.50 0.40
N ILE A 400 2.75 17.29 -0.62
CA ILE A 400 1.32 17.47 -0.92
C ILE A 400 0.70 16.15 -1.29
N MET A 401 1.43 15.31 -2.03
CA MET A 401 0.92 13.98 -2.33
C MET A 401 0.73 13.17 -1.06
N GLY A 402 1.76 13.09 -0.23
CA GLY A 402 1.76 12.17 0.89
C GLY A 402 0.70 12.48 1.92
N LEU A 403 0.45 13.78 2.16
CA LEU A 403 -0.55 14.14 3.16
C LEU A 403 -1.91 13.53 2.83
N PHE A 404 -2.39 13.77 1.60
CA PHE A 404 -3.69 13.22 1.22
C PHE A 404 -3.61 11.73 0.96
N ASP A 405 -2.44 11.22 0.58
CA ASP A 405 -2.29 9.78 0.44
C ASP A 405 -2.56 9.09 1.77
N GLY A 406 -2.03 9.64 2.86
CA GLY A 406 -2.33 9.12 4.17
C GLY A 406 -3.78 9.33 4.55
N CYS A 407 -4.33 10.50 4.27
CA CYS A 407 -5.71 10.79 4.66
C CYS A 407 -6.68 9.80 4.04
N PHE A 408 -6.55 9.55 2.73
CA PHE A 408 -7.49 8.68 2.04
C PHE A 408 -7.47 7.27 2.61
N ILE A 409 -6.28 6.73 2.85
CA ILE A 409 -6.19 5.38 3.40
C ILE A 409 -6.74 5.35 4.81
N SER A 410 -6.52 6.41 5.59
CA SER A 410 -7.04 6.43 6.95
C SER A 410 -8.56 6.41 6.96
N ILE A 411 -9.19 7.19 6.09
CA ILE A 411 -10.64 7.35 6.14
C ILE A 411 -11.41 6.12 5.65
N MET A 412 -10.72 5.14 5.07
CA MET A 412 -11.42 4.07 4.35
C MET A 412 -12.31 3.25 5.29
N ALA A 413 -11.72 2.64 6.31
CA ALA A 413 -12.43 1.64 7.10
C ALA A 413 -13.76 2.14 7.66
N PRO A 414 -13.86 3.34 8.24
CA PRO A 414 -15.17 3.78 8.75
C PRO A 414 -16.26 3.80 7.69
N ILE A 415 -15.92 4.20 6.47
CA ILE A 415 -16.92 4.20 5.39
C ILE A 415 -17.48 2.81 5.18
N ALA A 416 -16.67 1.78 5.47
CA ALA A 416 -17.13 0.41 5.24
C ALA A 416 -18.38 0.11 6.06
N PHE A 417 -18.33 0.34 7.37
CA PHE A 417 -19.50 0.06 8.20
C PHE A 417 -20.50 1.21 8.20
N GLU A 418 -20.14 2.36 7.64
CA GLU A 418 -21.16 3.38 7.39
C GLU A 418 -22.07 2.98 6.24
N LEU A 419 -21.49 2.41 5.17
CA LEU A 419 -22.28 2.02 4.01
C LEU A 419 -23.06 0.74 4.25
N VAL A 420 -22.49 -0.21 4.99
CA VAL A 420 -23.06 -1.52 5.16
C VAL A 420 -23.11 -1.84 6.65
N GLY A 421 -24.03 -2.74 7.01
CA GLY A 421 -24.14 -3.15 8.41
C GLY A 421 -22.85 -3.76 8.92
N ALA A 422 -22.73 -3.76 10.25
CA ALA A 422 -21.50 -4.23 10.89
C ALA A 422 -21.23 -5.69 10.57
N GLN A 423 -22.28 -6.49 10.36
CA GLN A 423 -22.08 -7.92 10.14
C GLN A 423 -21.33 -8.20 8.84
N ASP A 424 -21.63 -7.44 7.80
CA ASP A 424 -21.08 -7.70 6.46
C ASP A 424 -19.84 -6.88 6.16
N VAL A 425 -19.28 -6.18 7.16
CA VAL A 425 -18.07 -5.39 6.92
C VAL A 425 -16.93 -6.29 6.48
N SER A 426 -16.83 -7.49 7.06
CA SER A 426 -15.75 -8.40 6.70
C SER A 426 -15.83 -8.80 5.23
N GLN A 427 -17.01 -9.22 4.79
CA GLN A 427 -17.19 -9.57 3.39
C GLN A 427 -16.95 -8.37 2.50
N ALA A 428 -17.40 -7.19 2.92
CA ALA A 428 -17.17 -5.98 2.14
C ALA A 428 -15.69 -5.74 1.93
N ILE A 429 -14.91 -5.83 3.00
CA ILE A 429 -13.47 -5.60 2.90
C ILE A 429 -12.83 -6.67 2.05
N GLY A 430 -13.27 -7.92 2.19
CA GLY A 430 -12.70 -8.99 1.38
C GLY A 430 -12.91 -8.74 -0.11
N PHE A 431 -14.14 -8.42 -0.50
CA PHE A 431 -14.41 -8.14 -1.90
C PHE A 431 -13.64 -6.91 -2.39
N LEU A 432 -13.58 -5.87 -1.55
CA LEU A 432 -12.88 -4.66 -1.95
C LEU A 432 -11.42 -4.94 -2.23
N LEU A 433 -10.76 -5.69 -1.34
CA LEU A 433 -9.36 -6.01 -1.56
C LEU A 433 -9.17 -6.95 -2.75
N GLY A 434 -10.11 -7.88 -2.95
CA GLY A 434 -10.04 -8.72 -4.14
C GLY A 434 -10.03 -7.90 -5.42
N PHE A 435 -10.94 -6.92 -5.50
CA PHE A 435 -10.93 -6.04 -6.66
C PHE A 435 -9.65 -5.21 -6.73
N MET A 436 -9.20 -4.72 -5.57
CA MET A 436 -8.00 -3.87 -5.54
C MET A 436 -6.74 -4.62 -5.92
N SER A 437 -6.78 -5.95 -5.92
CA SER A 437 -5.59 -6.72 -6.28
C SER A 437 -5.09 -6.36 -7.69
N ILE A 438 -5.99 -6.05 -8.61
CA ILE A 438 -5.63 -5.92 -10.02
C ILE A 438 -4.95 -4.59 -10.33
N PRO A 439 -5.56 -3.45 -9.99
CA PRO A 439 -4.99 -2.17 -10.46
C PRO A 439 -3.53 -1.96 -10.07
N MET A 440 -3.14 -2.34 -8.86
CA MET A 440 -1.75 -2.12 -8.46
C MET A 440 -0.79 -3.08 -9.16
N THR A 441 -1.27 -4.24 -9.62
CA THR A 441 -0.45 -5.13 -10.42
C THR A 441 -0.30 -4.61 -11.85
N VAL A 442 -1.37 -4.00 -12.38
CA VAL A 442 -1.33 -3.57 -13.77
C VAL A 442 -0.75 -2.17 -13.96
N GLY A 443 -0.65 -1.37 -12.90
CA GLY A 443 -0.19 -0.01 -13.04
C GLY A 443 1.25 0.13 -13.50
N PRO A 444 2.21 -0.24 -12.64
CA PRO A 444 3.61 0.11 -12.89
C PRO A 444 4.12 -0.42 -14.22
N PRO A 445 3.77 -1.65 -14.61
CA PRO A 445 4.29 -2.16 -15.89
C PRO A 445 3.81 -1.33 -17.07
N ILE A 446 2.51 -1.06 -17.15
CA ILE A 446 1.97 -0.25 -18.23
C ILE A 446 2.57 1.15 -18.19
N ALA A 447 2.73 1.71 -16.99
CA ALA A 447 3.31 3.04 -16.88
C ALA A 447 4.72 3.06 -17.44
N GLY A 448 5.53 2.05 -17.12
CA GLY A 448 6.86 1.98 -17.66
C GLY A 448 6.87 1.84 -19.17
N LEU A 449 6.04 0.96 -19.70
CA LEU A 449 6.02 0.72 -21.13
C LEU A 449 5.38 1.86 -21.91
N LEU A 450 4.63 2.74 -21.25
CA LEU A 450 3.77 3.67 -21.97
C LEU A 450 4.54 4.51 -22.98
N ARG A 451 5.76 4.91 -22.66
CA ARG A 451 6.63 5.53 -23.65
C ARG A 451 8.06 5.05 -23.48
N ASP A 452 8.23 3.75 -23.23
CA ASP A 452 9.57 3.18 -23.25
C ASP A 452 10.17 3.20 -24.65
N LYS A 453 9.36 3.49 -25.67
CA LYS A 453 9.85 3.75 -27.01
C LYS A 453 9.71 5.23 -27.28
N LEU A 454 10.83 5.89 -27.60
CA LEU A 454 10.86 7.31 -27.96
C LEU A 454 10.29 8.18 -26.84
N GLY A 455 10.98 8.19 -25.71
CA GLY A 455 10.62 9.11 -24.65
C GLY A 455 11.11 8.63 -23.29
N SER A 456 10.55 9.26 -22.26
CA SER A 456 10.86 8.96 -20.86
C SER A 456 9.55 8.99 -20.09
N TYR A 457 9.66 9.08 -18.76
CA TYR A 457 8.47 9.16 -17.93
C TYR A 457 7.69 10.45 -18.12
N ASP A 458 8.27 11.43 -18.82
CA ASP A 458 7.58 12.70 -19.02
C ASP A 458 6.19 12.49 -19.58
N VAL A 459 6.06 11.64 -20.60
CA VAL A 459 4.76 11.38 -21.20
C VAL A 459 3.97 10.33 -20.43
N ALA A 460 4.62 9.59 -19.54
CA ALA A 460 3.95 8.51 -18.82
C ALA A 460 3.29 8.97 -17.53
N PHE A 461 3.78 10.05 -16.92
CA PHE A 461 3.22 10.46 -15.63
C PHE A 461 1.88 11.17 -15.81
N TYR A 462 1.67 11.87 -16.92
CA TYR A 462 0.37 12.50 -17.15
C TYR A 462 -0.75 11.48 -17.09
N LEU A 463 -0.72 10.49 -17.99
CA LEU A 463 -1.79 9.51 -18.05
C LEU A 463 -1.94 8.74 -16.74
N ALA A 464 -0.90 8.70 -15.91
CA ALA A 464 -1.06 8.14 -14.59
C ALA A 464 -1.94 9.02 -13.71
N GLY A 465 -2.23 10.24 -14.16
CA GLY A 465 -3.05 11.18 -13.42
C GLY A 465 -4.48 11.31 -13.85
N VAL A 466 -4.92 10.60 -14.89
CA VAL A 466 -6.29 10.71 -15.38
C VAL A 466 -7.23 9.86 -14.52
N PRO A 467 -6.91 8.62 -14.22
CA PRO A 467 -7.89 7.74 -13.54
C PRO A 467 -8.38 8.33 -12.23
N PRO A 468 -7.53 9.03 -11.46
CA PRO A 468 -8.02 9.59 -10.19
C PRO A 468 -9.21 10.52 -10.35
N LEU A 469 -9.23 11.35 -11.40
CA LEU A 469 -10.34 12.27 -11.57
C LEU A 469 -11.64 11.52 -11.85
N ILE A 470 -11.59 10.50 -12.70
CA ILE A 470 -12.78 9.70 -12.97
C ILE A 470 -13.25 9.03 -11.70
N GLY A 471 -12.32 8.47 -10.93
CA GLY A 471 -12.70 7.84 -9.67
C GLY A 471 -13.37 8.79 -8.72
N GLY A 472 -12.81 10.00 -8.59
CA GLY A 472 -13.42 11.00 -7.73
C GLY A 472 -14.82 11.36 -8.18
N ALA A 473 -15.01 11.54 -9.49
CA ALA A 473 -16.35 11.84 -9.99
C ALA A 473 -17.33 10.72 -9.66
N VAL A 474 -16.91 9.47 -9.92
CA VAL A 474 -17.79 8.34 -9.65
C VAL A 474 -18.18 8.30 -8.18
N LEU A 475 -17.19 8.50 -7.29
CA LEU A 475 -17.51 8.50 -5.87
C LEU A 475 -18.44 9.65 -5.51
N CYS A 476 -18.26 10.82 -6.12
CA CYS A 476 -19.16 11.94 -5.86
C CYS A 476 -20.54 11.71 -6.45
N PHE A 477 -20.71 10.69 -7.29
CA PHE A 477 -21.99 10.37 -7.91
C PHE A 477 -22.73 9.27 -7.12
N ILE A 478 -22.60 9.26 -5.79
CA ILE A 478 -23.24 8.24 -4.97
C ILE A 478 -24.46 8.85 -4.29
N PRO A 479 -25.63 8.21 -4.36
CA PRO A 479 -26.82 8.78 -3.74
C PRO A 479 -26.78 8.67 -2.23
N SER A 480 -27.58 9.52 -1.59
CA SER A 480 -27.70 9.54 -0.14
C SER A 480 -28.89 10.41 0.24
N ARG A 481 -29.18 10.44 1.54
CA ARG A 481 -30.27 11.25 2.08
C ARG A 481 -31.60 10.94 1.39
N LEU A 482 -31.82 9.67 1.06
CA LEU A 482 -32.99 9.27 0.30
C LEU A 482 -33.60 8.02 0.90
N GLU A 483 -34.92 7.91 0.79
CA GLU A 483 -35.66 6.75 1.28
C GLU A 483 -36.87 6.53 0.38
N GLU A 484 -37.41 5.32 0.45
CA GLU A 484 -38.46 4.90 -0.47
C GLU A 484 -39.86 5.29 -0.01
N GLU A 485 -39.99 5.96 1.14
CA GLU A 485 -41.32 6.38 1.58
C GLU A 485 -41.98 7.33 0.58
N LEU A 486 -41.19 7.95 -0.29
CA LEU A 486 -41.72 8.81 -1.34
C LEU A 486 -42.16 8.04 -2.58
N ARG A 487 -41.95 6.72 -2.61
CA ARG A 487 -42.23 5.95 -3.82
C ARG A 487 -43.70 6.04 -4.23
N ARG A 488 -44.60 6.31 -3.28
CA ARG A 488 -46.03 6.41 -3.60
C ARG A 488 -46.33 7.58 -4.53
N ARG A 489 -45.42 8.55 -4.64
CA ARG A 489 -45.73 9.84 -5.23
C ARG A 489 -45.41 9.93 -6.73
N LEU A 490 -44.27 9.38 -7.17
CA LEU A 490 -43.72 9.73 -8.48
C LEU A 490 -43.79 8.58 -9.48
N THR A 491 -43.17 7.43 -9.19
CA THR A 491 -42.92 6.40 -10.18
C THR A 491 -43.88 5.22 -10.07
N GLU A 492 -45.15 5.48 -9.77
CA GLU A 492 -46.12 4.40 -9.67
C GLU A 492 -47.54 4.95 -9.60
C1 T44 B . -1.03 0.75 1.85
C2 T44 B . -1.40 0.75 3.19
C3 T44 B . -2.73 0.62 3.55
C4 T44 B . -3.71 0.50 2.58
C5 T44 B . -3.35 0.51 1.25
C6 T44 B . -2.02 0.63 0.88
C7 T44 B . 0.43 0.89 1.45
CA T44 B . 0.69 2.32 0.98
C T44 B . 1.78 2.99 1.83
C1' T44 B . -5.37 -0.81 3.56
C2' T44 B . -4.71 -2.00 3.25
C3' T44 B . -5.04 -3.16 3.94
C4' T44 B . -6.01 -3.15 4.92
C5' T44 B . -6.67 -1.97 5.21
C6' T44 B . -6.35 -0.81 4.53
N T44 B . 1.13 2.30 -0.41
O4 T44 B . -5.08 0.38 2.90
O4' T44 B . -6.34 -4.33 5.60
O T44 B . 2.45 3.94 1.34
OXT T44 B . 2.01 2.61 3.01
I3 T44 B . -3.20 0.63 5.61
I3' T44 B . -4.05 -4.97 3.49
I5 T44 B . -4.83 0.33 -0.23
I5' T44 B . -8.16 -1.94 6.70
H1 T44 B . -0.64 0.84 3.95
H6 T44 B . -1.76 0.64 -0.17
H71 T44 B . 0.64 0.20 0.63
H72 T44 B . 1.07 0.64 2.30
HA T44 B . -0.23 2.89 1.05
H2' T44 B . -3.95 -2.02 2.49
H6' T44 B . -6.87 0.11 4.78
H T44 B . 1.50 3.19 -0.66
H2 T44 B . 0.34 2.08 -1.00
HO4' T44 B . -6.33 -4.17 6.54
H83 T44 B . 1.83 1.58 -0.52
#